data_4NOI
#
_entry.id   4NOI
#
_cell.length_a   99.173
_cell.length_b   62.743
_cell.length_c   93.621
_cell.angle_alpha   90.00
_cell.angle_beta   112.52
_cell.angle_gamma   90.00
#
_symmetry.space_group_name_H-M   'C 1 2 1'
#
loop_
_entity.id
_entity.type
_entity.pdbx_description
1 polymer 'DNA-directed RNA polymerase subunit alpha'
2 non-polymer 'SODIUM ION'
3 non-polymer 'IODIDE ION'
4 non-polymer 'CHLORIDE ION'
5 water water
#
_entity_poly.entity_id   1
_entity_poly.type   'polypeptide(L)'
_entity_poly.pdbx_seq_one_letter_code
;(MSE)HHHHHHSSGVDLGTENLYFQSNA(MSE)RNITTSAYTPTEFTIENISDTVAKISAWPFEIGYGITLAHPLRRLLY
TSTIGYAPTAIHIDGVAHEFDS(MSE)RG(MSE)LEDVALFIINLKKLRFKIKGDSNKEIVEFSFKGSKEIYGKDLNNDQ
VEVVNKDAYLATINEDAELKFTLIVEKGIGYVPSEEIKELINDPKFIALDAFFTPVREATYDIEKVLFEDNPDYEKVVLT
VTTDGQITPNEAFQNALEA(MSE)YKQLSVFDKITNVRSVIKNQATSNELENTKLLQNITDLNLSARSYNCLEKAGVVYI
GELAL(MSE)SVSELAGLKNLGKKSLDEIKNI(MSE)ESIGFPVGTSKLSDNKEILKNKIAELKAQNEG
;
_entity_poly.pdbx_strand_id   A,B
#
loop_
_chem_comp.id
_chem_comp.type
_chem_comp.name
_chem_comp.formula
CL non-polymer 'CHLORIDE ION' 'Cl -1'
IOD non-polymer 'IODIDE ION' 'I -1'
NA non-polymer 'SODIUM ION' 'Na 1'
#
# COMPACT_ATOMS: atom_id res chain seq x y z
N ILE A 28 13.48 3.70 19.58
CA ILE A 28 12.87 5.07 19.64
C ILE A 28 13.32 5.85 18.44
N THR A 29 12.38 6.05 17.52
CA THR A 29 12.68 6.80 16.30
C THR A 29 11.43 7.55 15.93
N THR A 30 11.60 8.60 15.15
CA THR A 30 10.46 9.40 14.68
C THR A 30 10.10 8.96 13.23
N SER A 31 10.93 8.12 12.63
N SER A 31 10.92 8.11 12.63
CA SER A 31 10.67 7.60 11.28
CA SER A 31 10.67 7.61 11.28
C SER A 31 11.24 6.21 11.10
C SER A 31 11.25 6.22 11.09
N ALA A 32 10.50 5.38 10.39
CA ALA A 32 10.94 4.03 10.09
C ALA A 32 12.06 4.20 9.09
N TYR A 33 13.08 3.34 9.15
CA TYR A 33 14.21 3.43 8.23
C TYR A 33 13.72 3.36 6.79
N THR A 34 14.34 4.14 5.92
CA THR A 34 13.99 4.17 4.51
C THR A 34 14.81 3.11 3.79
N PRO A 35 14.14 2.08 3.23
CA PRO A 35 14.88 1.00 2.55
C PRO A 35 15.64 1.59 1.37
N THR A 36 16.77 1.00 1.02
CA THR A 36 17.63 1.48 -0.07
C THR A 36 18.08 0.44 -1.10
N GLU A 37 17.79 -0.83 -0.88
CA GLU A 37 18.26 -1.85 -1.84
C GLU A 37 17.11 -2.29 -2.72
N PHE A 38 17.40 -2.44 -4.00
CA PHE A 38 16.43 -2.84 -4.99
C PHE A 38 17.08 -3.67 -6.08
N THR A 39 16.45 -4.79 -6.41
CA THR A 39 16.95 -5.66 -7.48
C THR A 39 15.79 -6.22 -8.30
N ILE A 40 16.06 -6.43 -9.59
CA ILE A 40 15.12 -7.01 -10.52
C ILE A 40 15.85 -8.15 -11.21
N GLU A 41 15.34 -9.37 -11.07
CA GLU A 41 15.96 -10.55 -11.67
C GLU A 41 15.00 -11.15 -12.70
N ASN A 42 15.45 -11.20 -13.96
CA ASN A 42 14.63 -11.71 -15.03
C ASN A 42 14.81 -13.23 -15.21
N ILE A 43 13.83 -13.99 -14.70
CA ILE A 43 13.84 -15.45 -14.74
C ILE A 43 13.54 -15.93 -16.18
N SER A 44 12.65 -15.21 -16.88
CA SER A 44 12.31 -15.52 -18.26
C SER A 44 11.76 -14.25 -18.87
N ASP A 45 11.24 -14.35 -20.08
CA ASP A 45 10.69 -13.16 -20.74
C ASP A 45 9.38 -12.76 -20.08
N THR A 46 8.70 -13.72 -19.45
CA THR A 46 7.41 -13.48 -18.82
C THR A 46 7.39 -13.50 -17.27
N VAL A 47 8.54 -13.68 -16.62
CA VAL A 47 8.59 -13.77 -15.16
C VAL A 47 9.73 -12.96 -14.58
N ALA A 48 9.49 -12.35 -13.44
CA ALA A 48 10.52 -11.56 -12.78
C ALA A 48 10.36 -11.56 -11.26
N LYS A 49 11.48 -11.39 -10.58
CA LYS A 49 11.56 -11.28 -9.12
C LYS A 49 12.07 -9.90 -8.82
N ILE A 50 11.26 -9.15 -8.10
CA ILE A 50 11.57 -7.79 -7.71
C ILE A 50 11.76 -7.80 -6.19
N SER A 51 12.95 -7.44 -5.73
CA SER A 51 13.26 -7.41 -4.29
C SER A 51 13.67 -6.03 -3.83
N ALA A 52 13.12 -5.63 -2.67
CA ALA A 52 13.40 -4.32 -2.06
C ALA A 52 13.64 -4.54 -0.56
N TRP A 53 14.63 -3.87 0.02
CA TRP A 53 14.98 -4.05 1.43
C TRP A 53 16.03 -3.03 1.88
N PRO A 54 16.24 -2.88 3.21
CA PRO A 54 15.53 -3.48 4.31
C PRO A 54 14.42 -2.58 4.82
N PHE A 55 13.23 -3.16 5.05
CA PHE A 55 12.08 -2.45 5.61
C PHE A 55 11.97 -2.81 7.08
N GLU A 56 11.51 -1.87 7.92
CA GLU A 56 11.26 -2.23 9.32
C GLU A 56 10.05 -3.15 9.31
N ILE A 57 9.98 -4.05 10.28
CA ILE A 57 8.88 -5.06 10.28
C ILE A 57 7.49 -4.42 10.12
N GLY A 58 6.67 -5.01 9.26
CA GLY A 58 5.34 -4.49 8.97
C GLY A 58 5.28 -3.53 7.78
N TYR A 59 6.35 -2.77 7.54
CA TYR A 59 6.32 -1.80 6.43
C TYR A 59 6.39 -2.43 5.07
N GLY A 60 7.10 -3.55 4.94
CA GLY A 60 7.22 -4.19 3.66
C GLY A 60 5.86 -4.63 3.16
N ILE A 61 5.09 -5.25 4.05
CA ILE A 61 3.80 -5.79 3.71
C ILE A 61 2.79 -4.66 3.50
N THR A 62 2.99 -3.58 4.23
CA THR A 62 2.15 -2.40 4.08
C THR A 62 2.15 -2.00 2.61
N LEU A 63 3.29 -2.13 1.95
CA LEU A 63 3.39 -1.74 0.55
C LEU A 63 3.17 -2.88 -0.44
N ALA A 64 3.64 -4.08 -0.06
CA ALA A 64 3.55 -5.21 -0.93
C ALA A 64 2.10 -5.54 -1.31
N HIS A 65 1.18 -5.46 -0.36
CA HIS A 65 -0.19 -5.83 -0.64
C HIS A 65 -0.83 -4.89 -1.69
N PRO A 66 -0.84 -3.56 -1.46
CA PRO A 66 -1.42 -2.72 -2.49
C PRO A 66 -0.73 -2.80 -3.86
N LEU A 67 0.59 -2.89 -3.90
CA LEU A 67 1.25 -2.98 -5.20
C LEU A 67 0.87 -4.29 -5.90
N ARG A 68 0.72 -5.36 -5.14
CA ARG A 68 0.33 -6.61 -5.77
C ARG A 68 -1.01 -6.48 -6.44
N ARG A 69 -1.95 -5.80 -5.78
CA ARG A 69 -3.27 -5.58 -6.37
C ARG A 69 -3.16 -4.69 -7.61
N LEU A 70 -2.42 -3.59 -7.50
CA LEU A 70 -2.25 -2.69 -8.66
C LEU A 70 -1.60 -3.34 -9.91
N LEU A 71 -0.85 -4.42 -9.69
CA LEU A 71 -0.21 -5.09 -10.77
C LEU A 71 -1.26 -5.64 -11.73
N TYR A 72 -2.39 -6.06 -11.20
CA TYR A 72 -3.46 -6.63 -12.02
C TYR A 72 -4.39 -5.61 -12.69
N THR A 73 -4.41 -4.38 -12.21
CA THR A 73 -5.34 -3.41 -12.69
C THR A 73 -4.74 -2.24 -13.43
N SER A 74 -3.40 -2.15 -13.44
CA SER A 74 -2.75 -0.94 -13.96
C SER A 74 -2.26 -0.97 -15.42
N THR A 75 -2.51 -2.05 -16.14
CA THR A 75 -2.09 -2.15 -17.54
C THR A 75 -3.28 -2.49 -18.44
N ILE A 76 -3.38 -1.77 -19.55
CA ILE A 76 -4.42 -2.01 -20.57
C ILE A 76 -4.16 -3.37 -21.18
N GLY A 77 -5.20 -4.17 -21.35
CA GLY A 77 -5.06 -5.51 -21.96
C GLY A 77 -5.90 -5.65 -23.23
N TYR A 78 -5.47 -6.54 -24.13
CA TYR A 78 -6.21 -6.82 -25.38
C TYR A 78 -6.39 -8.31 -25.57
N ALA A 79 -7.44 -8.72 -26.28
CA ALA A 79 -7.67 -10.14 -26.56
C ALA A 79 -8.51 -10.35 -27.83
N PRO A 80 -8.27 -11.46 -28.54
CA PRO A 80 -9.19 -11.81 -29.64
C PRO A 80 -10.46 -12.34 -28.97
N THR A 81 -11.61 -11.77 -29.32
CA THR A 81 -12.84 -12.18 -28.68
C THR A 81 -13.73 -13.05 -29.52
N ALA A 82 -13.53 -13.01 -30.82
CA ALA A 82 -14.36 -13.81 -31.68
C ALA A 82 -13.71 -13.99 -33.01
N ILE A 83 -14.03 -15.09 -33.67
CA ILE A 83 -13.49 -15.33 -35.00
C ILE A 83 -14.49 -16.05 -35.92
N HIS A 84 -14.54 -15.61 -37.15
CA HIS A 84 -15.32 -16.26 -38.17
C HIS A 84 -14.37 -16.74 -39.28
N ILE A 85 -14.35 -18.05 -39.52
N ILE A 85 -14.34 -18.05 -39.52
CA ILE A 85 -13.49 -18.65 -40.54
CA ILE A 85 -13.44 -18.60 -40.54
C ILE A 85 -14.36 -18.99 -41.72
C ILE A 85 -14.30 -19.03 -41.72
N ASP A 86 -14.02 -18.48 -42.89
CA ASP A 86 -14.81 -18.78 -44.08
C ASP A 86 -14.76 -20.28 -44.38
N GLY A 87 -15.93 -20.89 -44.64
CA GLY A 87 -16.03 -22.32 -44.94
C GLY A 87 -16.04 -23.24 -43.69
N VAL A 88 -16.01 -22.67 -42.49
CA VAL A 88 -16.03 -23.45 -41.25
C VAL A 88 -17.31 -23.11 -40.46
N ALA A 89 -18.01 -24.14 -40.01
CA ALA A 89 -19.30 -23.96 -39.32
C ALA A 89 -19.19 -23.86 -37.79
N HIS A 90 -18.20 -24.53 -37.21
CA HIS A 90 -18.04 -24.53 -35.74
C HIS A 90 -16.61 -24.88 -35.37
N GLU A 91 -16.28 -24.61 -34.10
CA GLU A 91 -14.94 -24.75 -33.55
C GLU A 91 -14.35 -26.15 -33.47
N PHE A 92 -15.11 -27.14 -33.90
CA PHE A 92 -14.66 -28.55 -33.89
C PHE A 92 -14.67 -29.08 -35.32
N ASP A 93 -14.78 -28.16 -36.27
CA ASP A 93 -14.83 -28.50 -37.68
C ASP A 93 -13.41 -28.75 -38.26
N SER A 94 -13.37 -29.09 -39.55
CA SER A 94 -12.11 -29.33 -40.30
C SER A 94 -12.06 -28.47 -41.54
N MSE A 95 -10.86 -28.30 -42.09
CA MSE A 95 -10.69 -27.57 -43.33
C MSE A 95 -9.67 -28.22 -44.20
O MSE A 95 -8.49 -28.31 -43.84
CB MSE A 95 -10.24 -26.13 -43.08
CG MSE A 95 -10.02 -25.42 -44.43
SE MSE A 95 -9.45 -23.56 -44.17
CE MSE A 95 -8.50 -23.25 -45.87
N ARG A 96 -10.09 -28.70 -45.38
CA ARG A 96 -9.15 -29.29 -46.32
C ARG A 96 -8.17 -28.19 -46.80
N GLY A 97 -6.89 -28.51 -46.79
CA GLY A 97 -5.87 -27.53 -47.18
C GLY A 97 -5.19 -26.89 -45.98
N MSE A 98 -5.72 -27.11 -44.80
CA MSE A 98 -5.08 -26.57 -43.61
C MSE A 98 -4.59 -27.76 -42.81
O MSE A 98 -5.35 -28.71 -42.55
CB MSE A 98 -6.02 -25.63 -42.85
CG MSE A 98 -5.43 -25.29 -41.47
SE MSE A 98 -6.31 -23.72 -40.64
CE MSE A 98 -7.83 -24.62 -39.76
N LEU A 99 -3.35 -27.73 -42.41
CA LEU A 99 -2.77 -28.84 -41.65
C LEU A 99 -3.50 -29.08 -40.30
N GLU A 100 -3.78 -28.01 -39.58
CA GLU A 100 -4.46 -28.08 -38.32
C GLU A 100 -5.99 -28.16 -38.49
N ASP A 101 -6.67 -28.89 -37.61
CA ASP A 101 -8.13 -28.84 -37.54
C ASP A 101 -8.46 -27.49 -36.85
N VAL A 102 -9.72 -27.09 -36.86
CA VAL A 102 -10.10 -25.78 -36.34
C VAL A 102 -9.78 -25.66 -34.86
N ALA A 103 -10.03 -26.71 -34.10
CA ALA A 103 -9.75 -26.67 -32.65
C ALA A 103 -8.31 -26.28 -32.39
N LEU A 104 -7.37 -26.90 -33.10
CA LEU A 104 -5.95 -26.60 -32.91
C LEU A 104 -5.64 -25.19 -33.45
N PHE A 105 -6.15 -24.87 -34.63
CA PHE A 105 -5.98 -23.49 -35.10
C PHE A 105 -6.32 -22.48 -34.00
N ILE A 106 -7.46 -22.71 -33.34
CA ILE A 106 -7.95 -21.78 -32.31
C ILE A 106 -7.06 -21.77 -31.07
N ILE A 107 -6.58 -22.95 -30.65
CA ILE A 107 -5.66 -23.00 -29.55
C ILE A 107 -4.43 -22.15 -29.93
N ASN A 108 -3.97 -22.21 -31.17
CA ASN A 108 -2.77 -21.41 -31.51
C ASN A 108 -3.07 -19.93 -31.52
N LEU A 109 -4.24 -19.59 -32.02
CA LEU A 109 -4.64 -18.20 -32.09
C LEU A 109 -4.68 -17.56 -30.69
N LYS A 110 -5.18 -18.30 -29.72
CA LYS A 110 -5.25 -17.81 -28.35
C LYS A 110 -3.86 -17.62 -27.71
N LYS A 111 -2.81 -18.18 -28.30
CA LYS A 111 -1.48 -17.95 -27.77
C LYS A 111 -0.87 -16.66 -28.38
N LEU A 112 -1.53 -16.09 -29.38
CA LEU A 112 -1.04 -14.83 -29.99
C LEU A 112 -1.47 -13.66 -29.13
N ARG A 113 -0.54 -12.78 -28.80
CA ARG A 113 -0.85 -11.62 -27.98
C ARG A 113 -1.02 -10.40 -28.87
N PHE A 114 -2.27 -10.13 -29.24
CA PHE A 114 -2.64 -8.99 -30.05
C PHE A 114 -2.64 -7.69 -29.29
N LYS A 115 -2.40 -6.61 -30.04
CA LYS A 115 -2.43 -5.25 -29.52
C LYS A 115 -3.09 -4.40 -30.62
N ILE A 116 -3.98 -3.51 -30.23
CA ILE A 116 -4.63 -2.62 -31.19
C ILE A 116 -3.73 -1.41 -31.39
N LYS A 117 -3.55 -0.99 -32.64
CA LYS A 117 -2.74 0.21 -32.91
C LYS A 117 -3.64 1.43 -32.73
N GLY A 118 -3.23 2.37 -31.90
CA GLY A 118 -4.06 3.55 -31.66
C GLY A 118 -4.88 3.43 -30.38
N ASP A 119 -5.90 4.28 -30.23
CA ASP A 119 -6.72 4.36 -29.03
C ASP A 119 -8.09 3.62 -29.08
N SER A 120 -8.33 2.84 -30.13
CA SER A 120 -9.61 2.13 -30.27
C SER A 120 -9.80 1.00 -29.25
N ASN A 121 -11.07 0.74 -28.92
CA ASN A 121 -11.44 -0.34 -27.97
C ASN A 121 -11.85 -1.62 -28.67
N LYS A 122 -12.01 -1.56 -29.98
CA LYS A 122 -12.49 -2.71 -30.74
C LYS A 122 -12.11 -2.60 -32.23
N GLU A 123 -11.60 -3.69 -32.80
CA GLU A 123 -11.27 -3.70 -34.20
C GLU A 123 -11.77 -5.00 -34.83
N ILE A 124 -12.40 -4.89 -35.99
CA ILE A 124 -12.87 -6.02 -36.77
C ILE A 124 -11.85 -6.15 -37.88
N VAL A 125 -11.04 -7.21 -37.84
CA VAL A 125 -9.94 -7.34 -38.78
C VAL A 125 -10.11 -8.47 -39.78
N GLU A 126 -10.04 -8.13 -41.06
CA GLU A 126 -10.17 -9.13 -42.11
C GLU A 126 -8.79 -9.68 -42.54
N PHE A 127 -8.64 -11.01 -42.51
CA PHE A 127 -7.40 -11.63 -42.93
C PHE A 127 -7.59 -12.57 -44.12
N SER A 128 -6.54 -12.74 -44.89
CA SER A 128 -6.56 -13.61 -46.07
C SER A 128 -5.15 -14.06 -46.47
N PHE A 129 -4.95 -15.37 -46.55
CA PHE A 129 -3.65 -15.94 -46.92
C PHE A 129 -3.88 -16.99 -48.00
N LYS A 130 -3.00 -17.04 -49.00
CA LYS A 130 -3.15 -18.03 -50.10
C LYS A 130 -1.87 -18.87 -50.27
N GLY A 131 -1.92 -19.83 -51.21
CA GLY A 131 -0.76 -20.68 -51.60
C GLY A 131 -0.11 -21.43 -50.46
N SER A 132 0.98 -22.12 -50.74
CA SER A 132 1.72 -22.80 -49.68
C SER A 132 2.13 -21.68 -48.73
N LYS A 133 1.99 -21.89 -47.42
CA LYS A 133 2.27 -20.81 -46.47
C LYS A 133 2.22 -21.21 -44.98
N GLU A 134 3.29 -20.85 -44.24
CA GLU A 134 3.33 -21.09 -42.82
C GLU A 134 3.15 -19.73 -42.21
N ILE A 135 2.07 -19.59 -41.45
CA ILE A 135 1.66 -18.30 -40.89
C ILE A 135 2.13 -18.11 -39.47
N TYR A 136 2.90 -17.05 -39.24
CA TYR A 136 3.39 -16.68 -37.91
C TYR A 136 2.75 -15.35 -37.45
N GLY A 137 2.95 -15.00 -36.17
CA GLY A 137 2.43 -13.77 -35.63
C GLY A 137 2.77 -12.54 -36.46
N LYS A 138 4.00 -12.49 -36.97
CA LYS A 138 4.44 -11.37 -37.81
C LYS A 138 3.54 -11.17 -39.02
N ASP A 139 2.98 -12.26 -39.53
CA ASP A 139 2.10 -12.18 -40.71
C ASP A 139 0.73 -11.55 -40.39
N LEU A 140 0.40 -11.44 -39.11
CA LEU A 140 -0.87 -10.80 -38.75
C LEU A 140 -0.75 -9.30 -38.43
N ASN A 141 0.39 -8.68 -38.71
N ASN A 141 0.37 -8.69 -38.79
CA ASN A 141 0.54 -7.25 -38.45
CA ASN A 141 0.57 -7.28 -38.60
C ASN A 141 0.00 -6.42 -39.64
C ASN A 141 -0.15 -6.51 -39.71
N ASN A 142 -0.90 -5.48 -39.34
CA ASN A 142 -1.57 -4.63 -40.34
C ASN A 142 -1.86 -3.29 -39.69
N ASP A 143 -2.71 -2.50 -40.33
CA ASP A 143 -3.05 -1.15 -39.85
C ASP A 143 -3.87 -1.12 -38.55
N GLN A 144 -4.67 -2.14 -38.28
CA GLN A 144 -5.52 -2.11 -37.10
C GLN A 144 -4.93 -2.78 -35.86
N VAL A 145 -4.19 -3.85 -36.07
CA VAL A 145 -3.60 -4.59 -34.98
C VAL A 145 -2.19 -5.08 -35.26
N GLU A 146 -1.58 -5.56 -34.18
CA GLU A 146 -0.23 -6.05 -34.21
C GLU A 146 -0.18 -7.21 -33.21
N VAL A 147 0.69 -8.18 -33.45
CA VAL A 147 0.91 -9.30 -32.55
C VAL A 147 2.27 -9.05 -31.89
N VAL A 148 2.30 -8.98 -30.55
CA VAL A 148 3.55 -8.72 -29.81
C VAL A 148 4.56 -9.88 -29.92
N ASN A 149 4.09 -11.11 -29.74
CA ASN A 149 4.93 -12.29 -29.90
C ASN A 149 4.86 -12.69 -31.38
N LYS A 150 5.58 -11.94 -32.21
CA LYS A 150 5.56 -12.12 -33.67
C LYS A 150 6.17 -13.44 -34.13
N ASP A 151 7.01 -14.04 -33.30
CA ASP A 151 7.66 -15.32 -33.64
C ASP A 151 6.76 -16.56 -33.42
N ALA A 152 5.59 -16.38 -32.82
CA ALA A 152 4.72 -17.50 -32.52
C ALA A 152 4.00 -18.00 -33.77
N TYR A 153 3.85 -19.31 -33.84
CA TYR A 153 3.23 -20.03 -34.98
C TYR A 153 1.70 -20.12 -34.85
N LEU A 154 1.01 -19.98 -35.99
CA LEU A 154 -0.47 -20.06 -36.02
C LEU A 154 -0.93 -21.32 -36.77
N ALA A 155 -0.63 -21.36 -38.06
CA ALA A 155 -1.07 -22.50 -38.88
C ALA A 155 -0.33 -22.57 -40.18
N THR A 156 -0.49 -23.71 -40.87
CA THR A 156 0.09 -23.95 -42.18
C THR A 156 -0.99 -24.29 -43.23
N ILE A 157 -0.94 -23.65 -44.38
CA ILE A 157 -1.87 -24.02 -45.44
C ILE A 157 -1.12 -24.49 -46.71
N ASN A 158 -1.73 -25.43 -47.46
CA ASN A 158 -1.07 -25.96 -48.66
C ASN A 158 -1.39 -25.14 -49.91
N GLU A 159 -0.83 -25.53 -51.04
CA GLU A 159 -0.96 -24.75 -52.29
C GLU A 159 -2.36 -24.61 -52.92
N ASP A 160 -3.23 -25.59 -52.73
CA ASP A 160 -4.57 -25.50 -53.31
C ASP A 160 -5.60 -24.81 -52.40
N ALA A 161 -5.13 -24.00 -51.44
CA ALA A 161 -6.05 -23.43 -50.43
C ALA A 161 -5.88 -21.95 -50.06
N GLU A 162 -6.96 -21.39 -49.53
CA GLU A 162 -6.98 -20.02 -49.07
C GLU A 162 -7.67 -19.95 -47.71
N LEU A 163 -6.98 -19.35 -46.75
CA LEU A 163 -7.51 -19.17 -45.42
C LEU A 163 -7.99 -17.74 -45.29
N LYS A 164 -9.29 -17.58 -45.10
CA LYS A 164 -9.89 -16.27 -44.89
C LYS A 164 -10.64 -16.24 -43.58
N PHE A 165 -10.33 -15.25 -42.76
CA PHE A 165 -11.05 -15.10 -41.52
C PHE A 165 -11.12 -13.67 -41.03
N THR A 166 -12.17 -13.41 -40.27
CA THR A 166 -12.44 -12.12 -39.65
C THR A 166 -12.25 -12.29 -38.16
N LEU A 167 -11.42 -11.46 -37.59
CA LEU A 167 -11.09 -11.54 -36.19
C LEU A 167 -11.55 -10.30 -35.48
N ILE A 168 -12.16 -10.48 -34.32
CA ILE A 168 -12.52 -9.36 -33.47
C ILE A 168 -11.50 -9.26 -32.32
N VAL A 169 -10.85 -8.10 -32.21
CA VAL A 169 -9.90 -7.86 -31.12
C VAL A 169 -10.42 -6.73 -30.25
N GLU A 170 -10.50 -6.97 -28.96
CA GLU A 170 -11.05 -5.96 -28.06
C GLU A 170 -10.09 -5.57 -26.95
N LYS A 171 -10.30 -4.37 -26.41
CA LYS A 171 -9.58 -3.91 -25.25
C LYS A 171 -10.45 -4.34 -24.08
N GLY A 172 -9.84 -4.59 -22.93
CA GLY A 172 -10.63 -4.97 -21.76
C GLY A 172 -9.78 -5.26 -20.55
N ILE A 173 -10.43 -5.79 -19.53
CA ILE A 173 -9.75 -6.16 -18.31
C ILE A 173 -10.41 -7.42 -17.71
N GLY A 174 -9.59 -8.24 -17.05
CA GLY A 174 -10.08 -9.47 -16.45
C GLY A 174 -10.48 -10.55 -17.45
N TYR A 175 -11.32 -11.47 -16.98
CA TYR A 175 -11.76 -12.61 -17.75
C TYR A 175 -13.20 -12.44 -18.17
N VAL A 176 -13.46 -12.59 -19.47
CA VAL A 176 -14.82 -12.54 -20.01
C VAL A 176 -15.08 -13.86 -20.72
N PRO A 177 -16.06 -14.65 -20.22
CA PRO A 177 -16.30 -15.95 -20.85
C PRO A 177 -17.00 -15.80 -22.20
N SER A 178 -16.86 -16.82 -23.03
CA SER A 178 -17.43 -16.80 -24.38
C SER A 178 -18.91 -16.40 -24.40
N GLU A 179 -19.70 -16.95 -23.47
CA GLU A 179 -21.14 -16.65 -23.41
C GLU A 179 -21.45 -15.13 -23.36
N GLU A 180 -20.72 -14.37 -22.55
CA GLU A 180 -20.93 -12.92 -22.45
C GLU A 180 -20.49 -12.24 -23.72
N ILE A 181 -19.50 -12.83 -24.41
CA ILE A 181 -19.01 -12.29 -25.66
C ILE A 181 -20.04 -12.51 -26.75
N LYS A 182 -20.53 -13.74 -26.84
CA LYS A 182 -21.51 -14.12 -27.83
C LYS A 182 -22.67 -13.11 -27.81
N GLU A 183 -23.26 -12.93 -26.63
CA GLU A 183 -24.39 -12.02 -26.43
C GLU A 183 -24.12 -10.61 -27.01
N LEU A 184 -22.99 -10.00 -26.63
CA LEU A 184 -22.60 -8.67 -27.13
C LEU A 184 -22.44 -8.65 -28.67
N ILE A 185 -21.63 -9.59 -29.17
CA ILE A 185 -21.29 -9.71 -30.59
C ILE A 185 -22.51 -9.84 -31.54
N ASN A 186 -23.57 -10.50 -31.12
CA ASN A 186 -24.78 -10.62 -31.95
C ASN A 186 -24.71 -11.34 -33.30
N ASP A 187 -23.80 -12.31 -33.49
CA ASP A 187 -23.74 -12.99 -34.79
C ASP A 187 -23.20 -14.43 -34.73
N PRO A 188 -24.08 -15.44 -34.84
CA PRO A 188 -23.67 -16.85 -34.76
C PRO A 188 -22.63 -17.33 -35.76
N LYS A 189 -22.32 -16.55 -36.80
CA LYS A 189 -21.26 -16.95 -37.73
C LYS A 189 -19.88 -16.80 -37.04
N PHE A 190 -19.79 -15.89 -36.06
CA PHE A 190 -18.56 -15.72 -35.27
C PHE A 190 -18.49 -16.73 -34.14
N ILE A 191 -17.37 -17.44 -34.06
CA ILE A 191 -17.11 -18.34 -32.94
C ILE A 191 -16.61 -17.45 -31.80
N ALA A 192 -17.39 -17.39 -30.72
CA ALA A 192 -17.01 -16.55 -29.59
C ALA A 192 -15.93 -17.25 -28.77
N LEU A 193 -14.97 -16.47 -28.31
CA LEU A 193 -13.82 -16.99 -27.59
C LEU A 193 -13.76 -16.51 -26.15
N ASP A 194 -13.32 -17.38 -25.25
CA ASP A 194 -13.12 -16.97 -23.84
C ASP A 194 -11.94 -16.00 -23.89
N ALA A 195 -12.06 -14.85 -23.23
CA ALA A 195 -11.02 -13.82 -23.28
C ALA A 195 -10.39 -13.50 -21.91
N PHE A 196 -9.05 -13.60 -21.84
CA PHE A 196 -8.28 -13.37 -20.64
C PHE A 196 -7.50 -12.10 -20.96
N PHE A 197 -8.06 -10.94 -20.65
CA PHE A 197 -7.47 -9.64 -20.98
C PHE A 197 -6.26 -9.21 -20.14
N THR A 198 -6.22 -9.59 -18.86
CA THR A 198 -5.19 -9.06 -17.93
C THR A 198 -3.79 -9.52 -18.25
N PRO A 199 -2.87 -8.59 -18.53
CA PRO A 199 -1.51 -9.00 -18.82
C PRO A 199 -0.84 -9.76 -17.69
N VAL A 200 -1.01 -9.29 -16.46
CA VAL A 200 -0.43 -10.00 -15.32
C VAL A 200 -1.30 -11.17 -14.93
N ARG A 201 -0.75 -12.39 -15.04
CA ARG A 201 -1.51 -13.59 -14.70
C ARG A 201 -1.27 -14.02 -13.30
N GLU A 202 -0.10 -13.69 -12.76
CA GLU A 202 0.18 -14.03 -11.38
C GLU A 202 1.14 -13.02 -10.75
N ALA A 203 0.90 -12.72 -9.49
CA ALA A 203 1.72 -11.78 -8.77
C ALA A 203 1.66 -12.19 -7.33
N THR A 204 2.78 -12.67 -6.79
CA THR A 204 2.82 -13.12 -5.42
C THR A 204 4.05 -12.57 -4.74
N TYR A 205 4.04 -12.58 -3.42
CA TYR A 205 5.18 -12.09 -2.68
C TYR A 205 5.45 -12.86 -1.43
N ASP A 206 6.69 -12.75 -0.98
CA ASP A 206 7.18 -13.29 0.27
C ASP A 206 7.88 -12.19 1.01
N ILE A 207 7.75 -12.24 2.32
CA ILE A 207 8.37 -11.28 3.22
C ILE A 207 9.44 -12.09 3.93
N GLU A 208 10.71 -11.84 3.59
CA GLU A 208 11.82 -12.57 4.20
C GLU A 208 12.46 -11.72 5.27
N LYS A 209 12.91 -12.36 6.34
CA LYS A 209 13.60 -11.64 7.41
C LYS A 209 15.03 -11.37 6.98
N VAL A 210 15.55 -10.19 7.30
CA VAL A 210 16.96 -9.86 7.06
C VAL A 210 17.45 -9.07 8.27
N LEU A 211 18.77 -8.81 8.34
CA LEU A 211 19.33 -8.02 9.39
C LEU A 211 19.76 -6.68 8.84
N PHE A 212 19.76 -5.67 9.69
CA PHE A 212 20.30 -4.38 9.33
C PHE A 212 21.04 -3.91 10.57
N GLU A 213 22.33 -3.66 10.41
CA GLU A 213 23.22 -3.27 11.51
C GLU A 213 23.08 -4.22 12.68
N ASP A 214 23.14 -5.51 12.34
CA ASP A 214 23.05 -6.59 13.31
C ASP A 214 21.68 -6.83 13.97
N ASN A 215 20.66 -6.00 13.70
CA ASN A 215 19.31 -6.21 14.30
C ASN A 215 18.33 -6.97 13.41
N PRO A 216 17.57 -7.89 14.02
CA PRO A 216 16.64 -8.77 13.29
C PRO A 216 15.28 -8.24 12.88
N ASP A 217 14.84 -7.14 13.44
CA ASP A 217 13.45 -6.66 13.14
C ASP A 217 13.21 -6.00 11.74
N TYR A 218 13.83 -6.56 10.68
CA TYR A 218 13.70 -6.02 9.31
C TYR A 218 13.28 -7.08 8.31
N GLU A 219 12.80 -6.59 7.15
CA GLU A 219 12.25 -7.44 6.09
C GLU A 219 12.71 -7.13 4.68
N LYS A 220 12.63 -8.14 3.83
CA LYS A 220 12.89 -8.03 2.45
C LYS A 220 11.60 -8.46 1.74
N VAL A 221 11.07 -7.57 0.89
CA VAL A 221 9.90 -7.89 0.08
C VAL A 221 10.38 -8.51 -1.22
N VAL A 222 9.84 -9.67 -1.56
CA VAL A 222 10.20 -10.34 -2.81
C VAL A 222 8.93 -10.60 -3.60
N LEU A 223 8.74 -9.83 -4.66
CA LEU A 223 7.59 -9.97 -5.55
C LEU A 223 7.90 -10.77 -6.79
N THR A 224 7.05 -11.73 -7.09
CA THR A 224 7.18 -12.55 -8.28
C THR A 224 5.97 -12.22 -9.17
N VAL A 225 6.30 -11.71 -10.34
CA VAL A 225 5.35 -11.23 -11.32
C VAL A 225 5.44 -12.01 -12.62
N THR A 226 4.31 -12.57 -13.03
CA THR A 226 4.21 -13.36 -14.26
C THR A 226 3.17 -12.75 -15.18
N THR A 227 3.58 -12.39 -16.41
CA THR A 227 2.66 -11.85 -17.40
C THR A 227 2.41 -12.88 -18.51
N ASP A 228 1.46 -12.54 -19.37
CA ASP A 228 1.08 -13.40 -20.48
C ASP A 228 1.86 -13.04 -21.74
N GLY A 229 2.81 -12.11 -21.61
CA GLY A 229 3.62 -11.69 -22.75
C GLY A 229 3.12 -10.46 -23.51
N GLN A 230 1.95 -9.90 -23.13
CA GLN A 230 1.46 -8.66 -23.77
C GLN A 230 2.43 -7.53 -23.43
N ILE A 231 3.02 -7.62 -22.23
CA ILE A 231 4.08 -6.74 -21.77
C ILE A 231 4.95 -7.55 -20.82
N THR A 232 6.15 -7.06 -20.58
CA THR A 232 7.09 -7.69 -19.68
C THR A 232 6.74 -7.42 -18.18
N PRO A 233 7.19 -8.29 -17.28
CA PRO A 233 6.94 -8.09 -15.85
C PRO A 233 7.47 -6.74 -15.36
N ASN A 234 8.58 -6.31 -15.95
CA ASN A 234 9.18 -5.04 -15.61
C ASN A 234 8.18 -3.89 -15.85
N GLU A 235 7.55 -3.85 -17.03
CA GLU A 235 6.62 -2.76 -17.38
C GLU A 235 5.37 -2.83 -16.51
N ALA A 236 4.88 -4.03 -16.26
CA ALA A 236 3.70 -4.20 -15.44
C ALA A 236 3.92 -3.58 -14.04
N PHE A 237 5.14 -3.74 -13.48
CA PHE A 237 5.47 -3.17 -12.18
C PHE A 237 5.60 -1.66 -12.30
N GLN A 238 6.20 -1.18 -13.40
CA GLN A 238 6.28 0.26 -13.58
C GLN A 238 4.88 0.83 -13.64
N ASN A 239 3.97 0.20 -14.38
CA ASN A 239 2.63 0.74 -14.43
C ASN A 239 1.98 0.75 -13.06
N ALA A 240 2.27 -0.28 -12.26
CA ALA A 240 1.66 -0.38 -10.94
C ALA A 240 2.17 0.73 -10.01
N LEU A 241 3.48 0.94 -10.02
CA LEU A 241 4.09 2.02 -9.21
C LEU A 241 3.58 3.40 -9.65
N GLU A 242 3.56 3.69 -10.95
CA GLU A 242 3.02 4.98 -11.44
C GLU A 242 1.57 5.15 -10.97
N ALA A 243 0.79 4.08 -11.11
CA ALA A 243 -0.61 4.15 -10.65
C ALA A 243 -0.73 4.48 -9.16
N MSE A 244 0.20 3.99 -8.36
CA MSE A 244 0.17 4.24 -6.90
C MSE A 244 0.44 5.70 -6.66
O MSE A 244 -0.30 6.35 -5.89
CB MSE A 244 1.20 3.37 -6.17
CG MSE A 244 1.38 3.79 -4.72
SE MSE A 244 -0.27 3.54 -3.67
CE MSE A 244 0.27 1.74 -3.12
N TYR A 245 1.48 6.22 -7.31
CA TYR A 245 1.81 7.67 -7.23
C TYR A 245 0.68 8.55 -7.76
N LYS A 246 0.00 8.12 -8.82
CA LYS A 246 -1.09 8.92 -9.38
C LYS A 246 -2.21 9.06 -8.36
N GLN A 247 -2.57 7.97 -7.69
CA GLN A 247 -3.59 8.03 -6.65
C GLN A 247 -3.18 8.94 -5.50
N LEU A 248 -1.96 8.78 -5.03
CA LEU A 248 -1.48 9.61 -3.92
C LEU A 248 -1.40 11.10 -4.23
N SER A 249 -1.21 11.43 -5.50
CA SER A 249 -1.03 12.82 -5.92
C SER A 249 -2.25 13.69 -5.68
N VAL A 250 -3.39 13.08 -5.37
CA VAL A 250 -4.59 13.86 -5.13
C VAL A 250 -4.39 14.69 -3.86
N PHE A 251 -3.41 14.32 -3.04
CA PHE A 251 -3.15 15.04 -1.79
C PHE A 251 -2.12 16.16 -1.85
N ASP A 252 -1.51 16.36 -3.02
CA ASP A 252 -0.46 17.37 -3.22
C ASP A 252 -0.67 18.75 -2.56
N LYS A 253 -1.89 19.28 -2.56
CA LYS A 253 -2.15 20.59 -1.92
C LYS A 253 -2.50 20.47 -0.42
N ILE A 254 -1.54 20.75 0.47
CA ILE A 254 -1.74 20.65 1.94
C ILE A 254 -3.05 19.96 2.33
N TYR B 33 -11.08 5.69 -13.77
CA TYR B 33 -11.18 6.73 -12.70
C TYR B 33 -9.98 6.74 -11.81
N THR B 34 -9.56 7.93 -11.41
CA THR B 34 -8.45 8.06 -10.48
C THR B 34 -8.74 9.35 -9.70
N PRO B 35 -8.42 9.37 -8.39
CA PRO B 35 -8.81 10.50 -7.56
C PRO B 35 -8.27 11.88 -7.98
N THR B 36 -9.15 12.88 -8.02
CA THR B 36 -8.78 14.26 -8.40
C THR B 36 -9.27 15.30 -7.39
N GLU B 37 -10.14 14.91 -6.46
CA GLU B 37 -10.71 15.81 -5.47
C GLU B 37 -10.47 15.25 -4.10
N PHE B 38 -10.26 16.11 -3.12
CA PHE B 38 -10.14 15.68 -1.74
C PHE B 38 -10.80 16.74 -0.86
N THR B 39 -11.08 16.40 0.40
CA THR B 39 -11.57 17.38 1.37
C THR B 39 -11.12 17.00 2.75
N ILE B 40 -10.68 17.98 3.53
CA ILE B 40 -10.36 17.70 4.90
C ILE B 40 -11.47 18.42 5.61
N GLU B 41 -12.21 17.70 6.45
CA GLU B 41 -13.26 18.31 7.23
C GLU B 41 -12.87 18.18 8.68
N ASN B 42 -12.64 19.33 9.32
CA ASN B 42 -12.27 19.34 10.72
C ASN B 42 -13.52 19.32 11.58
N ILE B 43 -13.85 18.16 12.14
CA ILE B 43 -14.98 18.03 13.02
C ILE B 43 -14.66 18.75 14.31
N SER B 44 -13.41 18.63 14.76
CA SER B 44 -12.93 19.31 15.96
C SER B 44 -11.43 19.38 15.86
N ASP B 45 -10.77 19.84 16.92
CA ASP B 45 -9.33 19.92 16.94
C ASP B 45 -8.68 18.54 16.97
N THR B 46 -9.41 17.48 17.41
CA THR B 46 -8.86 16.13 17.49
C THR B 46 -9.45 15.12 16.47
N VAL B 47 -10.45 15.53 15.71
CA VAL B 47 -11.11 14.65 14.79
C VAL B 47 -11.22 15.26 13.41
N ALA B 48 -10.87 14.49 12.39
CA ALA B 48 -11.06 14.96 11.04
C ALA B 48 -11.50 13.83 10.09
N LYS B 49 -12.23 14.21 9.05
CA LYS B 49 -12.64 13.30 7.97
C LYS B 49 -11.93 13.75 6.71
N ILE B 50 -11.14 12.85 6.14
CA ILE B 50 -10.40 13.09 4.94
C ILE B 50 -11.06 12.27 3.82
N SER B 51 -11.55 12.94 2.77
CA SER B 51 -12.23 12.23 1.66
C SER B 51 -11.51 12.41 0.33
N ALA B 52 -11.45 11.34 -0.46
CA ALA B 52 -10.86 11.43 -1.78
C ALA B 52 -11.73 10.70 -2.76
N TRP B 53 -11.91 11.29 -3.96
CA TRP B 53 -12.69 10.67 -5.04
C TRP B 53 -12.25 11.26 -6.40
N PRO B 54 -12.52 10.56 -7.52
CA PRO B 54 -13.17 9.26 -7.60
C PRO B 54 -12.21 8.08 -7.81
N PHE B 55 -12.61 6.91 -7.30
CA PHE B 55 -11.88 5.65 -7.50
C PHE B 55 -12.82 4.69 -8.24
N GLU B 56 -12.28 3.76 -9.03
CA GLU B 56 -13.07 2.70 -9.65
C GLU B 56 -13.55 1.80 -8.53
N ILE B 57 -14.62 1.08 -8.79
CA ILE B 57 -15.23 0.18 -7.81
C ILE B 57 -14.22 -0.90 -7.44
N GLY B 58 -13.93 -1.00 -6.15
CA GLY B 58 -12.99 -1.99 -5.65
C GLY B 58 -11.53 -1.57 -5.62
N TYR B 59 -11.21 -0.38 -6.16
CA TYR B 59 -9.82 0.15 -6.20
C TYR B 59 -9.43 1.04 -5.01
N GLY B 60 -10.41 1.58 -4.29
CA GLY B 60 -10.11 2.50 -3.16
C GLY B 60 -9.20 1.92 -2.08
N ILE B 61 -9.35 0.63 -1.79
CA ILE B 61 -8.54 0.00 -0.75
C ILE B 61 -7.03 0.11 -0.94
N THR B 62 -6.54 0.26 -2.17
CA THR B 62 -5.09 0.32 -2.35
C THR B 62 -4.53 1.56 -1.72
N LEU B 63 -5.40 2.51 -1.41
CA LEU B 63 -4.95 3.73 -0.78
C LEU B 63 -5.36 3.71 0.66
N ALA B 64 -6.57 3.24 0.90
CA ALA B 64 -7.14 3.21 2.21
C ALA B 64 -6.41 2.29 3.14
N HIS B 65 -6.06 1.10 2.69
CA HIS B 65 -5.40 0.14 3.58
C HIS B 65 -4.05 0.61 4.06
N PRO B 66 -3.15 1.02 3.14
CA PRO B 66 -1.85 1.40 3.65
C PRO B 66 -1.89 2.65 4.52
N LEU B 67 -2.71 3.63 4.13
CA LEU B 67 -2.76 4.86 4.87
C LEU B 67 -3.35 4.65 6.24
N ARG B 68 -4.38 3.82 6.36
CA ARG B 68 -4.94 3.56 7.69
C ARG B 68 -3.89 2.98 8.57
N ARG B 69 -3.19 2.03 8.02
CA ARG B 69 -2.13 1.37 8.76
C ARG B 69 -1.01 2.35 9.19
N LEU B 70 -0.53 3.17 8.25
CA LEU B 70 0.50 4.15 8.62
C LEU B 70 -0.02 5.19 9.67
N LEU B 71 -1.34 5.39 9.70
CA LEU B 71 -1.88 6.31 10.67
C LEU B 71 -1.67 5.78 12.08
N TYR B 72 -1.56 4.46 12.21
CA TYR B 72 -1.24 3.87 13.49
C TYR B 72 0.26 3.72 13.72
N THR B 73 1.00 3.27 12.71
CA THR B 73 2.41 2.92 12.91
C THR B 73 3.49 3.98 12.59
N SER B 74 3.14 5.05 11.90
N SER B 74 3.13 5.05 11.90
CA SER B 74 4.14 6.06 11.55
CA SER B 74 4.12 6.05 11.50
C SER B 74 3.84 7.46 12.05
C SER B 74 3.86 7.45 12.07
N THR B 75 2.77 7.62 12.81
CA THR B 75 2.40 8.92 13.33
C THR B 75 3.25 9.19 14.56
N ILE B 76 3.70 10.44 14.65
CA ILE B 76 4.70 10.82 15.62
C ILE B 76 4.16 11.50 16.83
N GLY B 77 4.38 10.87 17.98
CA GLY B 77 3.89 11.40 19.26
C GLY B 77 5.00 11.52 20.30
N TYR B 78 4.59 11.56 21.56
CA TYR B 78 5.47 11.79 22.69
C TYR B 78 5.05 10.94 23.87
N ALA B 79 6.03 10.57 24.66
CA ALA B 79 5.80 9.83 25.89
C ALA B 79 7.01 9.92 26.84
N PRO B 80 6.75 9.88 28.14
CA PRO B 80 7.85 9.75 29.06
C PRO B 80 8.44 8.35 28.93
N THR B 81 9.77 8.23 28.95
CA THR B 81 10.45 6.96 28.85
C THR B 81 11.07 6.53 30.21
N ALA B 82 11.20 7.48 31.14
CA ALA B 82 11.79 7.21 32.40
C ALA B 82 11.53 8.34 33.36
N ILE B 83 11.56 8.00 34.63
CA ILE B 83 11.35 8.92 35.70
C ILE B 83 12.26 8.68 36.90
N HIS B 84 12.70 9.76 37.50
CA HIS B 84 13.47 9.65 38.73
C HIS B 84 12.75 10.50 39.75
N ILE B 85 12.36 9.90 40.87
CA ILE B 85 11.72 10.61 41.95
C ILE B 85 12.69 10.69 43.11
N ASP B 86 12.83 11.90 43.64
CA ASP B 86 13.78 12.12 44.75
C ASP B 86 13.30 11.31 45.97
N GLY B 87 14.21 10.57 46.60
CA GLY B 87 13.90 9.72 47.79
C GLY B 87 13.41 8.31 47.45
N VAL B 88 13.30 8.00 46.16
CA VAL B 88 12.76 6.72 45.69
C VAL B 88 13.75 5.94 44.82
N ALA B 89 13.90 4.64 45.10
CA ALA B 89 14.76 3.75 44.32
C ALA B 89 13.98 2.78 43.42
N HIS B 90 12.79 2.36 43.85
CA HIS B 90 12.03 1.36 43.09
C HIS B 90 10.53 1.65 42.91
N GLU B 91 9.98 1.06 41.85
CA GLU B 91 8.55 1.11 41.45
C GLU B 91 7.60 0.77 42.57
N PHE B 92 8.00 -0.17 43.43
CA PHE B 92 7.15 -0.60 44.52
C PHE B 92 7.32 0.25 45.79
N ASP B 93 8.09 1.33 45.74
CA ASP B 93 8.28 2.14 46.96
C ASP B 93 7.08 3.05 47.27
N SER B 94 7.09 3.54 48.52
CA SER B 94 6.16 4.54 49.04
C SER B 94 6.92 5.86 49.20
N MSE B 95 6.18 6.96 49.33
N MSE B 95 6.20 6.97 49.30
CA MSE B 95 6.79 8.27 49.48
CA MSE B 95 6.86 8.27 49.51
C MSE B 95 6.06 9.02 50.58
C MSE B 95 6.08 8.99 50.58
O MSE B 95 4.87 9.28 50.44
O MSE B 95 4.87 9.20 50.45
CB MSE B 95 6.67 9.02 48.15
CB MSE B 95 6.97 9.14 48.24
CG MSE B 95 6.00 8.17 47.05
CG MSE B 95 8.09 10.20 48.36
SE MSE B 95 5.75 9.18 45.38
SE MSE B 95 7.78 11.81 47.24
CE MSE B 95 7.18 10.48 45.76
CE MSE B 95 7.00 13.06 48.53
N ARG B 96 6.76 9.34 51.67
CA ARG B 96 6.14 10.09 52.77
C ARG B 96 5.70 11.47 52.24
N GLY B 97 4.43 11.80 52.45
CA GLY B 97 3.88 13.09 51.99
C GLY B 97 3.04 13.06 50.71
N MSE B 98 2.91 11.90 50.09
N MSE B 98 2.95 11.89 50.07
CA MSE B 98 2.09 11.77 48.90
CA MSE B 98 2.15 11.71 48.87
C MSE B 98 1.09 10.71 49.18
C MSE B 98 1.08 10.71 49.23
O MSE B 98 1.44 9.66 49.72
O MSE B 98 1.36 9.73 49.90
CB MSE B 98 2.91 11.38 47.68
CB MSE B 98 2.92 11.03 47.73
CG MSE B 98 4.15 12.25 47.58
CG MSE B 98 3.68 11.95 46.78
SE MSE B 98 3.80 13.77 46.39
SE MSE B 98 3.60 11.30 44.89
CE MSE B 98 2.20 13.11 45.46
CE MSE B 98 4.55 9.57 45.02
N LEU B 99 -0.16 10.94 48.81
CA LEU B 99 -1.20 9.93 49.06
C LEU B 99 -0.87 8.66 48.26
N GLU B 100 -0.51 8.84 47.00
CA GLU B 100 -0.19 7.72 46.13
C GLU B 100 1.18 7.12 46.43
N ASP B 101 1.30 5.80 46.25
CA ASP B 101 2.59 5.16 46.32
C ASP B 101 3.16 5.33 44.90
N VAL B 102 4.40 4.93 44.69
CA VAL B 102 5.05 5.13 43.43
C VAL B 102 4.37 4.42 42.28
N ALA B 103 3.94 3.18 42.49
CA ALA B 103 3.31 2.42 41.41
C ALA B 103 2.03 3.11 40.92
N LEU B 104 1.23 3.62 41.85
CA LEU B 104 -0.03 4.29 41.50
C LEU B 104 0.24 5.65 40.79
N PHE B 105 1.28 6.33 41.22
CA PHE B 105 1.72 7.58 40.59
C PHE B 105 2.03 7.29 39.13
N ILE B 106 2.73 6.18 38.88
CA ILE B 106 3.10 5.76 37.50
C ILE B 106 1.85 5.45 36.69
N ILE B 107 0.93 4.74 37.28
CA ILE B 107 -0.33 4.44 36.61
C ILE B 107 -1.04 5.74 36.22
N ASN B 108 -1.09 6.69 37.16
CA ASN B 108 -1.74 7.96 36.84
C ASN B 108 -0.95 8.75 35.78
N LEU B 109 0.39 8.74 35.87
CA LEU B 109 1.24 9.44 34.91
C LEU B 109 0.99 8.98 33.48
N LYS B 110 0.73 7.67 33.30
CA LYS B 110 0.43 7.11 31.94
C LYS B 110 -0.70 7.78 31.20
N LYS B 111 -1.67 8.32 31.94
CA LYS B 111 -2.84 8.96 31.33
C LYS B 111 -2.58 10.39 30.86
N LEU B 112 -1.54 11.03 31.39
CA LEU B 112 -1.11 12.36 30.93
C LEU B 112 -0.41 12.23 29.58
N ARG B 113 -0.89 12.96 28.59
CA ARG B 113 -0.33 12.96 27.24
C ARG B 113 0.49 14.20 27.03
N PHE B 114 1.80 14.00 26.99
CA PHE B 114 2.73 15.10 26.88
C PHE B 114 2.98 15.60 25.48
N LYS B 115 3.49 16.81 25.44
CA LYS B 115 3.91 17.40 24.19
C LYS B 115 5.21 18.16 24.46
N ILE B 116 6.21 17.88 23.65
CA ILE B 116 7.46 18.60 23.73
C ILE B 116 7.32 19.89 22.92
N LYS B 117 7.61 21.04 23.52
CA LYS B 117 7.49 22.30 22.74
C LYS B 117 8.67 22.43 21.78
N GLY B 118 8.43 23.02 20.64
CA GLY B 118 9.48 23.16 19.65
C GLY B 118 9.68 21.86 18.92
N ASP B 119 10.84 21.70 18.31
CA ASP B 119 11.10 20.53 17.49
C ASP B 119 12.05 19.53 18.11
N SER B 120 12.26 19.63 19.40
CA SER B 120 13.18 18.74 20.05
C SER B 120 12.62 17.30 20.14
N ASN B 121 13.52 16.32 20.08
CA ASN B 121 13.17 14.89 20.19
C ASN B 121 13.28 14.34 21.59
N LYS B 122 13.84 15.14 22.49
CA LYS B 122 14.05 14.68 23.83
C LYS B 122 14.20 15.82 24.82
N GLU B 123 13.64 15.64 26.01
CA GLU B 123 13.78 16.64 27.06
C GLU B 123 13.92 15.93 28.38
N ILE B 124 14.83 16.42 29.21
CA ILE B 124 15.01 15.96 30.59
C ILE B 124 14.42 17.11 31.39
N VAL B 125 13.27 16.88 32.00
CA VAL B 125 12.53 17.92 32.69
C VAL B 125 12.47 17.71 34.19
N GLU B 126 12.83 18.73 34.96
CA GLU B 126 12.75 18.68 36.42
C GLU B 126 11.48 19.34 36.95
N PHE B 127 10.74 18.66 37.80
CA PHE B 127 9.56 19.27 38.39
C PHE B 127 9.71 19.31 39.87
N SER B 128 9.11 20.33 40.46
CA SER B 128 9.17 20.50 41.88
C SER B 128 7.87 21.11 42.41
N PHE B 129 7.24 20.40 43.35
CA PHE B 129 6.00 20.84 43.96
C PHE B 129 6.10 20.72 45.46
N LYS B 130 5.40 21.59 46.18
CA LYS B 130 5.47 21.50 47.64
C LYS B 130 4.14 21.84 48.24
N GLY B 131 4.08 21.88 49.58
CA GLY B 131 2.84 22.21 50.33
C GLY B 131 1.71 21.30 49.92
N SER B 132 0.52 21.56 50.47
CA SER B 132 -0.68 20.80 50.12
C SER B 132 -1.14 21.09 48.70
N LYS B 133 -1.07 20.10 47.82
CA LYS B 133 -1.50 20.33 46.46
C LYS B 133 -1.93 19.08 45.73
N GLU B 134 -2.98 19.24 44.94
CA GLU B 134 -3.43 18.22 44.00
C GLU B 134 -2.81 18.58 42.68
N ILE B 135 -2.06 17.64 42.10
CA ILE B 135 -1.36 17.87 40.86
C ILE B 135 -2.10 17.29 39.67
N TYR B 136 -2.37 18.16 38.71
CA TYR B 136 -3.03 17.82 37.46
C TYR B 136 -2.11 18.17 36.29
N GLY B 137 -2.48 17.70 35.09
CA GLY B 137 -1.72 17.93 33.91
C GLY B 137 -1.35 19.39 33.69
N LYS B 138 -2.28 20.30 34.01
CA LYS B 138 -2.03 21.74 33.84
C LYS B 138 -0.77 22.24 34.57
N ASP B 139 -0.40 21.57 35.65
CA ASP B 139 0.70 22.00 36.51
C ASP B 139 2.06 21.60 35.99
N LEU B 140 2.07 20.65 35.05
CA LEU B 140 3.29 20.20 34.39
C LEU B 140 3.47 20.99 33.07
N ASN B 141 3.82 22.25 33.20
CA ASN B 141 3.95 23.14 32.03
C ASN B 141 5.13 24.04 32.20
N ASN B 142 6.15 23.88 31.36
CA ASN B 142 7.29 24.75 31.41
C ASN B 142 7.79 25.05 30.02
N ASP B 143 9.02 25.55 29.91
CA ASP B 143 9.59 25.87 28.59
C ASP B 143 9.78 24.64 27.71
N GLN B 144 10.04 23.50 28.32
CA GLN B 144 10.29 22.25 27.60
C GLN B 144 9.09 21.45 27.11
N VAL B 145 8.12 21.23 28.01
CA VAL B 145 6.98 20.43 27.71
C VAL B 145 5.70 20.96 28.33
N GLU B 146 4.60 20.42 27.85
CA GLU B 146 3.30 20.66 28.47
C GLU B 146 2.47 19.38 28.36
N VAL B 147 1.39 19.34 29.12
CA VAL B 147 0.48 18.24 29.03
C VAL B 147 -0.78 18.68 28.31
N VAL B 148 -1.20 17.89 27.31
CA VAL B 148 -2.37 18.19 26.51
C VAL B 148 -3.70 18.09 27.28
N ASN B 149 -3.90 16.99 28.00
CA ASN B 149 -5.10 16.81 28.82
C ASN B 149 -4.86 17.40 30.23
N LYS B 150 -5.06 18.71 30.32
CA LYS B 150 -4.78 19.54 31.51
C LYS B 150 -5.53 19.13 32.74
N ASP B 151 -6.71 18.56 32.55
CA ASP B 151 -7.55 18.18 33.65
C ASP B 151 -7.24 16.80 34.19
N ALA B 152 -6.26 16.10 33.65
CA ALA B 152 -5.99 14.75 34.18
C ALA B 152 -5.24 14.81 35.50
N TYR B 153 -5.66 13.97 36.45
CA TYR B 153 -5.08 13.92 37.77
C TYR B 153 -3.83 13.10 37.82
N LEU B 154 -2.85 13.57 38.57
CA LEU B 154 -1.62 12.85 38.71
C LEU B 154 -1.43 12.35 40.13
N ALA B 155 -1.40 13.28 41.10
CA ALA B 155 -1.18 12.89 42.51
C ALA B 155 -1.45 14.01 43.46
N THR B 156 -1.49 13.68 44.75
CA THR B 156 -1.71 14.63 45.82
C THR B 156 -0.57 14.61 46.85
N ILE B 157 -0.11 15.80 47.21
CA ILE B 157 0.96 16.03 48.19
C ILE B 157 0.35 16.64 49.47
N ASN B 158 0.84 16.21 50.63
CA ASN B 158 0.35 16.72 51.94
C ASN B 158 1.12 17.96 52.34
N GLU B 159 0.70 18.59 53.45
CA GLU B 159 1.36 19.81 53.94
C GLU B 159 2.76 19.47 54.45
N ASP B 160 3.69 20.42 54.29
CA ASP B 160 5.08 20.26 54.74
C ASP B 160 5.74 19.05 54.06
N ALA B 161 5.43 18.88 52.77
CA ALA B 161 6.02 17.81 51.99
C ALA B 161 6.30 18.40 50.63
N GLU B 162 7.26 17.80 49.96
CA GLU B 162 7.65 18.25 48.66
C GLU B 162 7.95 17.07 47.78
N LEU B 163 7.53 17.19 46.53
CA LEU B 163 7.73 16.17 45.54
C LEU B 163 8.68 16.74 44.50
N LYS B 164 9.75 16.01 44.24
CA LYS B 164 10.67 16.44 43.24
C LYS B 164 10.90 15.25 42.31
N PHE B 165 10.78 15.47 41.02
CA PHE B 165 11.02 14.38 40.07
C PHE B 165 11.55 14.90 38.75
N THR B 166 12.29 14.02 38.07
CA THR B 166 12.85 14.33 36.79
C THR B 166 12.20 13.35 35.83
N LEU B 167 11.71 13.86 34.72
CA LEU B 167 11.09 13.01 33.74
C LEU B 167 11.83 13.10 32.40
N ILE B 168 12.09 11.97 31.76
CA ILE B 168 12.66 11.98 30.43
C ILE B 168 11.48 11.86 29.46
N VAL B 169 11.28 12.88 28.61
CA VAL B 169 10.19 12.81 27.64
C VAL B 169 10.79 12.69 26.23
N GLU B 170 10.24 11.80 25.41
CA GLU B 170 10.75 11.64 24.05
C GLU B 170 9.68 11.62 22.98
N LYS B 171 10.14 11.88 21.75
CA LYS B 171 9.33 11.92 20.58
C LYS B 171 9.54 10.60 19.84
N GLY B 172 8.49 9.99 19.34
CA GLY B 172 8.68 8.75 18.59
C GLY B 172 7.42 8.20 17.99
N ILE B 173 7.54 7.01 17.40
CA ILE B 173 6.42 6.33 16.81
C ILE B 173 6.19 4.98 17.54
N GLY B 174 4.98 4.44 17.46
CA GLY B 174 4.68 3.12 18.05
C GLY B 174 4.72 3.09 19.56
N TYR B 175 5.17 1.96 20.07
CA TYR B 175 5.26 1.62 21.48
C TYR B 175 6.63 0.98 21.76
N VAL B 176 7.23 1.34 22.90
CA VAL B 176 8.51 0.78 23.36
C VAL B 176 8.35 0.35 24.80
N PRO B 177 8.63 -0.93 25.11
CA PRO B 177 8.46 -1.41 26.48
C PRO B 177 9.58 -0.99 27.41
N SER B 178 9.24 -0.84 28.69
CA SER B 178 10.21 -0.43 29.70
C SER B 178 11.51 -1.21 29.64
N GLU B 179 11.43 -2.51 29.35
CA GLU B 179 12.62 -3.35 29.32
C GLU B 179 13.65 -2.86 28.30
N GLU B 180 13.20 -2.47 27.12
CA GLU B 180 14.16 -1.96 26.14
C GLU B 180 14.71 -0.63 26.59
N ILE B 181 13.88 0.17 27.23
CA ILE B 181 14.36 1.47 27.70
C ILE B 181 15.36 1.27 28.84
N LYS B 182 15.06 0.35 29.74
CA LYS B 182 15.93 0.03 30.86
C LYS B 182 17.35 -0.33 30.40
N GLU B 183 17.41 -1.21 29.39
CA GLU B 183 18.69 -1.67 28.83
C GLU B 183 19.40 -0.54 28.10
N LEU B 184 18.62 0.35 27.48
CA LEU B 184 19.18 1.46 26.71
C LEU B 184 19.86 2.52 27.58
N ILE B 185 19.12 3.11 28.51
CA ILE B 185 19.69 4.16 29.35
C ILE B 185 20.68 3.64 30.39
N ASN B 186 20.60 2.34 30.70
CA ASN B 186 21.52 1.71 31.64
C ASN B 186 21.82 2.60 32.86
N ASP B 187 20.78 3.15 33.48
CA ASP B 187 20.97 4.06 34.61
C ASP B 187 19.96 3.76 35.76
N PRO B 188 20.45 3.16 36.87
CA PRO B 188 19.60 2.81 38.01
C PRO B 188 18.93 4.00 38.71
N LYS B 189 19.39 5.21 38.41
CA LYS B 189 18.74 6.42 38.96
C LYS B 189 17.28 6.52 38.47
N PHE B 190 17.03 6.08 37.25
CA PHE B 190 15.70 6.20 36.65
C PHE B 190 14.96 4.88 36.62
N ILE B 191 13.65 4.96 36.72
CA ILE B 191 12.77 3.84 36.54
C ILE B 191 12.25 3.92 35.10
N ALA B 192 12.55 2.91 34.29
CA ALA B 192 12.12 2.93 32.89
C ALA B 192 10.61 2.74 32.82
N LEU B 193 9.96 3.42 31.87
CA LEU B 193 8.51 3.30 31.74
C LEU B 193 8.10 2.74 30.38
N ASP B 194 6.93 2.10 30.30
CA ASP B 194 6.36 1.67 28.99
C ASP B 194 6.01 2.99 28.31
N ALA B 195 6.44 3.16 27.07
CA ALA B 195 6.25 4.40 26.34
C ALA B 195 5.35 4.15 25.13
N PHE B 196 4.18 4.79 25.12
CA PHE B 196 3.21 4.62 24.07
C PHE B 196 3.22 5.92 23.30
N PHE B 197 3.94 5.96 22.18
CA PHE B 197 4.07 7.22 21.42
C PHE B 197 2.89 7.59 20.54
N THR B 198 2.28 6.59 19.93
CA THR B 198 1.24 6.84 18.94
C THR B 198 0.17 7.84 19.42
N PRO B 199 0.02 8.95 18.69
CA PRO B 199 -0.93 9.96 19.05
C PRO B 199 -2.30 9.79 18.37
N VAL B 200 -2.41 8.82 17.47
CA VAL B 200 -3.68 8.52 16.84
C VAL B 200 -4.45 7.49 17.73
N ARG B 201 -5.65 7.85 18.22
CA ARG B 201 -6.46 6.95 19.04
C ARG B 201 -7.31 6.05 18.12
N GLU B 202 -7.69 6.57 16.95
CA GLU B 202 -8.48 5.77 16.04
C GLU B 202 -8.35 6.24 14.60
N ALA B 203 -8.19 5.28 13.70
CA ALA B 203 -8.16 5.60 12.28
C ALA B 203 -8.94 4.51 11.56
N THR B 204 -9.99 4.95 10.85
CA THR B 204 -10.89 4.06 10.10
C THR B 204 -11.11 4.58 8.72
N TYR B 205 -11.59 3.68 7.88
CA TYR B 205 -11.94 4.05 6.54
C TYR B 205 -13.28 3.44 6.17
N ASP B 206 -13.98 4.15 5.33
CA ASP B 206 -15.23 3.70 4.77
C ASP B 206 -15.15 3.97 3.28
N ILE B 207 -15.59 3.01 2.50
CA ILE B 207 -15.59 3.16 1.06
C ILE B 207 -17.05 3.25 0.69
N GLU B 208 -17.41 4.41 0.12
CA GLU B 208 -18.79 4.70 -0.25
C GLU B 208 -18.93 4.67 -1.76
N LYS B 209 -19.95 3.97 -2.22
CA LYS B 209 -20.21 3.87 -3.65
C LYS B 209 -21.07 5.08 -4.02
N VAL B 210 -20.82 5.69 -5.17
CA VAL B 210 -21.61 6.84 -5.63
C VAL B 210 -22.32 6.47 -6.94
N LEU B 211 -23.58 6.87 -7.07
CA LEU B 211 -24.42 6.52 -8.23
C LEU B 211 -24.41 7.58 -9.31
N PRO B 216 -20.44 4.60 -14.98
CA PRO B 216 -20.32 5.89 -14.31
C PRO B 216 -20.35 5.86 -12.76
N ASP B 217 -20.55 4.69 -12.15
CA ASP B 217 -20.57 4.55 -10.70
C ASP B 217 -19.13 4.57 -10.21
N TYR B 218 -18.85 5.36 -9.18
CA TYR B 218 -17.50 5.41 -8.65
C TYR B 218 -17.54 5.24 -7.14
N GLU B 219 -16.38 5.19 -6.50
CA GLU B 219 -16.36 5.09 -5.06
C GLU B 219 -15.49 6.19 -4.48
N LYS B 220 -15.81 6.55 -3.25
CA LYS B 220 -15.17 7.60 -2.52
C LYS B 220 -14.52 6.99 -1.26
N VAL B 221 -13.25 7.30 -1.01
CA VAL B 221 -12.57 6.80 0.18
C VAL B 221 -12.68 7.86 1.26
N VAL B 222 -13.19 7.49 2.44
CA VAL B 222 -13.31 8.40 3.58
C VAL B 222 -12.55 7.82 4.76
N LEU B 223 -11.49 8.53 5.19
CA LEU B 223 -10.68 8.17 6.34
C LEU B 223 -11.07 9.07 7.48
N THR B 224 -11.26 8.49 8.65
CA THR B 224 -11.65 9.26 9.82
C THR B 224 -10.53 9.09 10.81
N VAL B 225 -10.01 10.19 11.33
CA VAL B 225 -8.87 10.16 12.21
C VAL B 225 -9.13 10.91 13.49
N THR B 226 -8.80 10.28 14.61
CA THR B 226 -8.94 10.89 15.91
C THR B 226 -7.62 10.81 16.61
N THR B 227 -7.13 11.95 17.10
CA THR B 227 -5.89 12.00 17.84
C THR B 227 -6.15 12.36 19.28
N ASP B 228 -5.12 12.24 20.11
CA ASP B 228 -5.20 12.59 21.54
C ASP B 228 -4.79 14.04 21.78
N GLY B 229 -4.69 14.86 20.73
CA GLY B 229 -4.33 16.26 20.89
C GLY B 229 -2.83 16.56 20.90
N GLN B 230 -1.97 15.53 20.97
CA GLN B 230 -0.53 15.76 20.86
C GLN B 230 -0.22 16.41 19.52
N ILE B 231 -0.96 16.00 18.48
CA ILE B 231 -0.89 16.58 17.15
C ILE B 231 -2.31 16.57 16.60
N THR B 232 -2.56 17.39 15.60
CA THR B 232 -3.85 17.48 14.96
C THR B 232 -3.99 16.29 13.97
N PRO B 233 -5.23 15.99 13.56
CA PRO B 233 -5.47 14.94 12.60
C PRO B 233 -4.81 15.24 11.27
N ASN B 234 -4.73 16.50 10.91
CA ASN B 234 -4.09 16.91 9.68
C ASN B 234 -2.60 16.59 9.77
N GLU B 235 -1.98 16.92 10.91
CA GLU B 235 -0.57 16.57 11.13
C GLU B 235 -0.35 15.07 11.07
N ALA B 236 -1.28 14.28 11.63
CA ALA B 236 -1.09 12.85 11.65
C ALA B 236 -1.14 12.32 10.23
N PHE B 237 -2.06 12.84 9.45
CA PHE B 237 -2.21 12.42 8.07
C PHE B 237 -0.95 12.80 7.24
N GLN B 238 -0.36 13.96 7.54
CA GLN B 238 0.91 14.33 6.87
C GLN B 238 2.01 13.34 7.28
N ASN B 239 2.09 12.95 8.56
CA ASN B 239 3.06 11.94 8.95
C ASN B 239 2.89 10.67 8.07
N ALA B 240 1.66 10.19 7.94
CA ALA B 240 1.40 8.95 7.19
C ALA B 240 1.73 9.07 5.70
N LEU B 241 1.36 10.18 5.08
CA LEU B 241 1.71 10.41 3.66
C LEU B 241 3.20 10.42 3.43
N GLU B 242 3.86 11.19 4.25
CA GLU B 242 5.29 11.34 4.20
C GLU B 242 5.94 9.98 4.38
N ALA B 243 5.45 9.14 5.33
CA ALA B 243 6.02 7.81 5.48
C ALA B 243 5.76 6.95 4.23
N MSE B 244 4.56 7.06 3.66
N MSE B 244 4.57 7.06 3.64
CA MSE B 244 4.22 6.30 2.43
CA MSE B 244 4.21 6.28 2.44
C MSE B 244 5.26 6.60 1.37
C MSE B 244 5.14 6.60 1.27
O MSE B 244 5.91 5.70 0.85
O MSE B 244 5.60 5.70 0.56
CB MSE B 244 2.87 6.75 1.80
CB MSE B 244 2.73 6.56 2.13
CG MSE B 244 1.67 5.86 2.05
CG MSE B 244 2.21 5.94 0.84
SE MSE B 244 2.01 4.03 1.40
SE MSE B 244 0.37 5.25 1.15
CE MSE B 244 0.85 3.94 -0.20
CE MSE B 244 0.65 3.62 0.06
N TYR B 245 5.41 7.88 1.05
CA TYR B 245 6.37 8.29 0.03
C TYR B 245 7.79 7.76 0.30
N LYS B 246 8.28 7.82 1.55
CA LYS B 246 9.64 7.33 1.82
C LYS B 246 9.77 5.83 1.59
N GLN B 247 8.77 5.08 2.07
CA GLN B 247 8.80 3.64 1.89
C GLN B 247 8.70 3.26 0.38
N LEU B 248 7.87 3.96 -0.39
CA LEU B 248 7.77 3.70 -1.84
C LEU B 248 9.04 4.07 -2.63
N SER B 249 9.78 5.07 -2.16
CA SER B 249 10.99 5.55 -2.88
C SER B 249 12.00 4.47 -3.26
N VAL B 250 12.16 3.42 -2.46
CA VAL B 250 13.10 2.38 -2.85
C VAL B 250 12.68 1.75 -4.19
N PHE B 251 11.37 1.62 -4.43
CA PHE B 251 10.92 0.98 -5.68
C PHE B 251 11.15 1.81 -6.93
N ASP B 252 11.49 3.10 -6.77
CA ASP B 252 11.75 3.99 -7.93
C ASP B 252 12.91 3.51 -8.80
N LYS B 253 13.86 2.79 -8.20
CA LYS B 253 15.00 2.27 -8.95
C LYS B 253 14.65 1.31 -10.08
N ILE B 254 13.35 1.01 -10.24
CA ILE B 254 12.90 0.16 -11.34
C ILE B 254 13.32 0.80 -12.67
N THR B 255 13.30 2.13 -12.73
CA THR B 255 13.74 2.87 -13.92
C THR B 255 15.22 3.23 -13.82
NA NA C . -7.25 -30.19 -42.95
I IOD D . -4.80 -3.57 -0.74
I IOD E . -7.36 -12.74 -17.04
I IOD F . 21.37 -3.23 4.00
CL CL G . 3.57 -7.89 10.12
CL CL H . 0.74 -13.43 -2.11
CL CL I . 20.81 -10.30 6.29
CL CL J . 5.16 -24.52 -46.07
CL CL K . -0.15 -14.21 -48.17
CL CL L . 0.24 -28.59 -45.60
CL CL L . -1.53 -28.72 -45.30
CL CL M . 18.65 -4.86 -10.64
CL CL M . 18.20 -2.84 -10.96
I IOD N . 14.75 15.19 40.95
CL CL O . -11.46 0.32 9.34
CL CL P . 3.90 24.26 43.77
CL CL Q . -15.88 -0.14 4.02
CL CL R . 11.86 -0.53 39.66
CL CL S . 17.95 -4.81 37.83
#